data_7AD0
#
_entry.id   7AD0
#
_cell.length_a   46.811
_cell.length_b   76.082
_cell.length_c   197.299
_cell.angle_alpha   90.000
_cell.angle_beta   90.000
_cell.angle_gamma   90.000
#
_symmetry.space_group_name_H-M   'P 21 21 21'
#
loop_
_entity.id
_entity.type
_entity.pdbx_description
1 polymer 'E3 ubiquitin-protein ligase Mdm2'
2 polymer 'Modified p53 peptide'
3 water water
#
loop_
_entity_poly.entity_id
_entity_poly.type
_entity_poly.pdbx_seq_one_letter_code
_entity_poly.pdbx_strand_id
1 'polypeptide(L)'
;QETLVRPKPLLLKLLKSVGAQKDTYTMKEVLFYLGQYIMTKRLYDEKQQHIVYCSNDLLGDLFGVPSFSVKEHRKIYTMI
YRNLVVVNQQ
;
A,B,C,D,E,F
2 'polypeptide(L)' ATSFAEYWALL(9FB)PA H,I,J,K,L,M
#
# COMPACT_ATOMS: atom_id res chain seq x y z
N GLN A 1 -12.98 1.01 21.33
CA GLN A 1 -11.94 1.69 22.15
C GLN A 1 -12.49 3.01 22.66
N GLU A 2 -13.20 2.88 23.80
CA GLU A 2 -13.96 3.96 24.43
C GLU A 2 -13.16 4.65 25.53
N THR A 3 -11.85 4.37 25.54
CA THR A 3 -10.90 4.92 26.53
C THR A 3 -10.92 6.49 26.44
N LEU A 4 -11.30 7.19 27.53
CA LEU A 4 -11.47 8.67 27.51
C LEU A 4 -10.16 9.37 27.75
N VAL A 5 -9.84 10.25 26.83
CA VAL A 5 -8.47 10.55 26.58
C VAL A 5 -8.30 12.01 26.23
N ARG A 6 -7.20 12.58 26.69
CA ARG A 6 -6.88 13.95 26.40
C ARG A 6 -5.43 14.02 25.96
N PRO A 7 -5.22 14.29 24.69
CA PRO A 7 -3.88 14.39 24.10
C PRO A 7 -3.02 15.46 24.73
N LYS A 8 -1.70 15.27 24.71
CA LYS A 8 -0.74 16.30 25.09
C LYS A 8 -0.56 17.34 24.01
N PRO A 9 -0.19 18.56 24.40
CA PRO A 9 -0.30 19.63 23.40
C PRO A 9 0.12 19.26 21.97
N LEU A 10 1.17 18.46 21.81
CA LEU A 10 1.72 18.26 20.49
C LEU A 10 0.86 17.32 19.59
N LEU A 11 0.34 16.26 20.19
CA LEU A 11 -0.61 15.43 19.54
C LEU A 11 -1.85 16.21 19.26
N LEU A 12 -2.27 16.96 20.26
CA LEU A 12 -3.50 17.75 20.15
C LEU A 12 -3.46 18.70 18.97
N LYS A 13 -2.38 19.47 18.84
CA LYS A 13 -2.29 20.36 17.68
C LYS A 13 -2.20 19.57 16.38
N LEU A 14 -1.53 18.43 16.45
CA LEU A 14 -1.48 17.54 15.30
C LEU A 14 -2.93 17.27 14.86
N LEU A 15 -3.79 16.89 15.82
CA LEU A 15 -5.20 16.58 15.50
C LEU A 15 -6.00 17.81 15.06
N LYS A 16 -5.78 18.90 15.76
CA LYS A 16 -6.47 20.14 15.44
C LYS A 16 -6.06 20.64 14.07
N SER A 17 -4.85 20.27 13.61
CA SER A 17 -4.32 20.77 12.34
C SER A 17 -5.14 20.24 11.17
N VAL A 18 -5.86 19.13 11.37
CA VAL A 18 -6.84 18.63 10.38
C VAL A 18 -8.30 18.75 10.83
N GLY A 19 -8.53 19.58 11.84
CA GLY A 19 -9.85 20.11 12.14
C GLY A 19 -10.55 19.60 13.38
N ALA A 20 -9.86 18.89 14.25
CA ALA A 20 -10.47 18.38 15.48
C ALA A 20 -10.71 19.54 16.43
N GLN A 21 -11.82 19.53 17.18
CA GLN A 21 -12.22 20.68 18.03
C GLN A 21 -11.87 20.55 19.53
N LYS A 22 -12.01 19.37 20.09
CA LYS A 22 -12.08 19.22 21.53
C LYS A 22 -10.69 19.04 22.17
N ASP A 23 -10.65 18.98 23.51
CA ASP A 23 -9.45 18.59 24.28
C ASP A 23 -9.53 17.16 24.80
N THR A 24 -10.67 16.53 24.50
CA THR A 24 -11.17 15.36 25.16
C THR A 24 -11.87 14.42 24.18
N TYR A 25 -11.19 13.32 23.85
CA TYR A 25 -11.63 12.37 22.85
C TYR A 25 -11.65 10.93 23.32
N THR A 26 -12.54 10.12 22.74
CA THR A 26 -12.43 8.66 22.82
C THR A 26 -11.25 8.19 21.98
N MET A 27 -10.80 6.96 22.21
CA MET A 27 -9.61 6.48 21.55
C MET A 27 -9.95 6.31 20.08
N LYS A 28 -11.16 5.85 19.85
CA LYS A 28 -11.74 5.76 18.52
C LYS A 28 -11.62 7.04 17.70
N GLU A 29 -12.03 8.16 18.28
CA GLU A 29 -11.93 9.42 17.59
C GLU A 29 -10.50 9.75 17.31
N VAL A 30 -9.63 9.54 18.26
CA VAL A 30 -8.22 9.86 18.05
C VAL A 30 -7.66 9.10 16.83
N LEU A 31 -8.03 7.84 16.74
CA LEU A 31 -7.59 6.99 15.65
C LEU A 31 -8.17 7.50 14.34
N PHE A 32 -9.44 7.90 14.32
CA PHE A 32 -10.04 8.48 13.10
C PHE A 32 -9.27 9.70 12.64
N TYR A 33 -9.11 10.67 13.53
CA TYR A 33 -8.36 11.86 13.21
C TYR A 33 -6.91 11.62 12.88
N LEU A 34 -6.25 10.66 13.55
CA LEU A 34 -4.83 10.42 13.25
C LEU A 34 -4.62 9.82 11.88
N GLY A 35 -5.45 8.87 11.52
CA GLY A 35 -5.41 8.31 10.17
C GLY A 35 -5.64 9.41 9.16
N GLN A 36 -6.61 10.28 9.41
CA GLN A 36 -6.87 11.43 8.50
C GLN A 36 -5.66 12.37 8.35
N TYR A 37 -4.93 12.59 9.43
CA TYR A 37 -3.81 13.51 9.43
C TYR A 37 -2.77 12.95 8.50
N ILE A 38 -2.57 11.63 8.60
CA ILE A 38 -1.52 10.95 7.86
C ILE A 38 -1.85 11.00 6.38
N MET A 39 -3.13 10.81 6.04
CA MET A 39 -3.55 10.87 4.64
C MET A 39 -3.48 12.33 4.14
N THR A 40 -4.08 13.23 4.87
CA THR A 40 -4.08 14.66 4.51
C THR A 40 -2.66 15.22 4.30
N LYS A 41 -1.70 14.80 5.12
CA LYS A 41 -0.31 15.25 4.94
C LYS A 41 0.46 14.40 3.90
N ARG A 42 -0.14 13.32 3.42
CA ARG A 42 0.52 12.52 2.39
C ARG A 42 1.80 11.89 2.93
N LEU A 43 1.69 11.26 4.08
CA LEU A 43 2.84 10.69 4.75
C LEU A 43 3.01 9.23 4.44
N TYR A 44 2.04 8.64 3.75
CA TYR A 44 2.07 7.21 3.53
C TYR A 44 2.80 7.00 2.24
N ASP A 45 3.49 5.87 2.12
CA ASP A 45 4.21 5.51 0.90
C ASP A 45 3.16 5.14 -0.14
N GLU A 46 3.42 5.54 -1.36
CA GLU A 46 2.49 5.24 -2.44
C GLU A 46 2.34 3.80 -2.83
N LYS A 47 3.41 3.02 -2.74
CA LYS A 47 3.44 1.62 -3.21
C LYS A 47 3.23 0.61 -2.11
N GLN A 48 3.76 0.90 -0.94
CA GLN A 48 3.73 0.02 0.22
C GLN A 48 3.05 0.84 1.29
N GLN A 49 1.71 0.89 1.21
CA GLN A 49 0.97 1.95 1.88
C GLN A 49 0.84 1.81 3.40
N HIS A 50 1.29 0.68 3.96
CA HIS A 50 1.44 0.59 5.40
C HIS A 50 2.65 1.33 5.91
N ILE A 51 3.54 1.80 5.01
CA ILE A 51 4.71 2.56 5.45
C ILE A 51 4.39 4.00 5.56
N VAL A 52 4.76 4.59 6.69
CA VAL A 52 4.52 6.00 6.98
C VAL A 52 5.83 6.68 7.30
N TYR A 53 6.09 7.81 6.63
CA TYR A 53 7.28 8.66 6.78
C TYR A 53 6.97 9.77 7.79
N CYS A 54 7.85 9.96 8.76
CA CYS A 54 7.75 10.91 9.88
C CYS A 54 8.89 11.94 9.97
N SER A 55 9.94 11.76 9.17
CA SER A 55 11.10 12.68 9.20
C SER A 55 10.64 14.09 8.96
N ASN A 56 11.31 15.08 9.52
CA ASN A 56 10.83 16.45 9.31
C ASN A 56 9.29 16.51 9.11
N ASP A 57 8.54 15.75 9.91
CA ASP A 57 7.16 16.08 10.16
C ASP A 57 6.98 16.11 11.67
N LEU A 58 5.98 16.85 12.08
CA LEU A 58 5.53 16.84 13.44
C LEU A 58 5.40 15.41 13.96
N LEU A 59 4.85 14.52 13.15
CA LEU A 59 4.57 13.16 13.57
C LEU A 59 5.84 12.49 14.03
N GLY A 60 6.99 12.89 13.47
CA GLY A 60 8.27 12.32 13.86
C GLY A 60 8.64 12.73 15.26
N ASP A 61 8.37 13.98 15.58
CA ASP A 61 8.65 14.45 16.94
C ASP A 61 7.81 13.65 17.95
N LEU A 62 6.51 13.49 17.71
CA LEU A 62 5.68 12.74 18.68
C LEU A 62 6.17 11.32 18.83
N PHE A 63 6.28 10.64 17.70
CA PHE A 63 6.62 9.22 17.71
C PHE A 63 8.11 8.94 17.98
N GLY A 64 8.99 9.92 17.78
CA GLY A 64 10.44 9.67 17.88
C GLY A 64 10.97 8.55 16.97
N VAL A 65 10.48 8.43 15.74
CA VAL A 65 11.09 7.52 14.75
C VAL A 65 10.96 8.18 13.39
N PRO A 66 11.85 7.86 12.43
CA PRO A 66 11.72 8.51 11.13
C PRO A 66 10.69 7.88 10.19
N SER A 67 10.32 6.62 10.45
CA SER A 67 9.33 5.93 9.64
C SER A 67 8.70 4.88 10.52
N PHE A 68 7.57 4.32 10.14
CA PHE A 68 7.05 3.15 10.83
C PHE A 68 6.09 2.41 9.92
N SER A 69 5.66 1.22 10.32
CA SER A 69 4.65 0.50 9.57
C SER A 69 3.36 0.41 10.36
N VAL A 70 2.24 0.58 9.64
CA VAL A 70 0.93 0.55 10.25
C VAL A 70 0.65 -0.87 10.72
N LYS A 71 1.35 -1.86 10.19
CA LYS A 71 1.14 -3.22 10.63
C LYS A 71 1.64 -3.50 12.06
N GLU A 72 2.48 -2.60 12.61
CA GLU A 72 3.07 -2.72 13.97
C GLU A 72 2.13 -2.18 15.02
N HIS A 73 1.10 -2.95 15.30
CA HIS A 73 -0.07 -2.40 15.97
C HIS A 73 0.33 -2.06 17.37
N ARG A 74 0.97 -2.99 18.07
CA ARG A 74 1.37 -2.68 19.42
C ARG A 74 2.27 -1.42 19.48
N LYS A 75 3.24 -1.31 18.58
CA LYS A 75 4.18 -0.20 18.60
C LYS A 75 3.49 1.10 18.35
N ILE A 76 2.52 1.05 17.43
CA ILE A 76 1.69 2.21 17.10
C ILE A 76 0.93 2.65 18.31
N TYR A 77 0.23 1.73 18.94
CA TYR A 77 -0.53 2.11 20.14
C TYR A 77 0.39 2.63 21.27
N THR A 78 1.57 2.04 21.40
CA THR A 78 2.56 2.55 22.36
C THR A 78 2.99 3.96 22.00
N MET A 79 3.29 4.22 20.74
CA MET A 79 3.78 5.55 20.40
C MET A 79 2.67 6.60 20.55
N ILE A 80 1.41 6.19 20.36
CA ILE A 80 0.23 7.07 20.62
C ILE A 80 0.07 7.33 22.09
N TYR A 81 -0.02 6.27 22.89
CA TYR A 81 -0.47 6.37 24.30
C TYR A 81 0.41 7.26 25.16
N ARG A 82 1.67 7.30 24.79
CA ARG A 82 2.62 8.11 25.47
C ARG A 82 2.73 9.55 24.93
N ASN A 83 1.82 9.90 24.01
CA ASN A 83 1.49 11.29 23.70
C ASN A 83 0.07 11.62 24.19
N LEU A 84 -0.41 10.89 25.18
CA LEU A 84 -1.80 10.88 25.50
C LEU A 84 -1.95 10.75 27.01
N VAL A 85 -2.98 11.39 27.58
CA VAL A 85 -3.30 11.27 29.00
C VAL A 85 -4.69 10.64 29.21
N VAL A 86 -4.73 9.59 30.01
CA VAL A 86 -5.97 8.84 30.25
C VAL A 86 -6.69 9.44 31.44
N VAL A 87 -7.90 9.92 31.20
CA VAL A 87 -8.61 10.66 32.22
C VAL A 87 -9.14 9.71 33.26
N ASN A 88 -9.50 10.21 34.44
CA ASN A 88 -10.17 9.40 35.47
C ASN A 88 -11.69 9.57 35.35
N GLN A 89 -12.26 8.80 34.42
CA GLN A 89 -13.64 8.94 33.93
C GLN A 89 -13.85 7.78 32.97
N GLN A 90 -15.06 7.61 32.44
CA GLN A 90 -15.33 6.56 31.43
C GLN A 90 -14.36 6.63 30.24
N GLU B 2 -4.49 -23.88 -6.47
CA GLU B 2 -5.03 -23.42 -5.14
C GLU B 2 -3.99 -22.98 -4.10
N THR B 3 -2.76 -23.48 -4.14
CA THR B 3 -1.70 -22.95 -3.25
C THR B 3 -1.29 -21.52 -3.67
N LEU B 4 -1.34 -20.57 -2.75
CA LEU B 4 -0.82 -19.24 -3.04
C LEU B 4 0.68 -19.12 -2.70
N VAL B 5 1.40 -18.35 -3.52
CA VAL B 5 2.78 -18.09 -3.31
C VAL B 5 3.06 -16.64 -3.45
N ARG B 6 4.10 -16.22 -2.73
CA ARG B 6 4.61 -14.83 -2.87
C ARG B 6 6.03 -14.80 -3.37
N PRO B 7 6.23 -14.44 -4.63
CA PRO B 7 7.57 -14.50 -5.13
C PRO B 7 8.46 -13.53 -4.39
N LYS B 8 9.69 -13.91 -4.18
CA LYS B 8 10.63 -13.02 -3.52
C LYS B 8 11.17 -12.06 -4.58
N PRO B 9 11.85 -11.01 -4.17
CA PRO B 9 12.04 -9.88 -5.11
C PRO B 9 12.71 -10.25 -6.43
N LEU B 10 13.70 -11.14 -6.49
CA LEU B 10 14.34 -11.43 -7.80
C LEU B 10 13.34 -12.11 -8.75
N LEU B 11 12.65 -13.14 -8.26
CA LEU B 11 11.65 -13.80 -9.12
C LEU B 11 10.57 -12.78 -9.50
N LEU B 12 10.12 -12.00 -8.54
CA LEU B 12 9.07 -10.98 -8.80
C LEU B 12 9.52 -9.96 -9.87
N LYS B 13 10.78 -9.57 -9.82
CA LYS B 13 11.28 -8.60 -10.80
C LYS B 13 11.18 -9.19 -12.22
N LEU B 14 11.56 -10.44 -12.34
CA LEU B 14 11.51 -11.09 -13.65
C LEU B 14 10.04 -11.10 -14.11
N LEU B 15 9.12 -11.48 -13.22
CA LEU B 15 7.74 -11.61 -13.63
C LEU B 15 7.17 -10.25 -14.07
N LYS B 16 7.48 -9.21 -13.29
CA LYS B 16 6.98 -7.89 -13.64
C LYS B 16 7.64 -7.39 -14.89
N SER B 17 8.80 -7.86 -15.27
CA SER B 17 9.42 -7.34 -16.48
C SER B 17 8.61 -7.71 -17.73
N VAL B 18 7.71 -8.69 -17.65
CA VAL B 18 6.84 -8.97 -18.80
C VAL B 18 5.37 -8.74 -18.42
N GLY B 19 5.16 -7.86 -17.44
CA GLY B 19 3.85 -7.26 -17.25
C GLY B 19 3.10 -7.71 -16.03
N ALA B 20 3.61 -8.67 -15.27
CA ALA B 20 2.92 -9.11 -14.05
C ALA B 20 2.75 -7.95 -13.09
N GLN B 21 1.66 -7.91 -12.34
CA GLN B 21 1.34 -6.73 -11.55
C GLN B 21 1.20 -6.90 -10.03
N LYS B 22 1.00 -8.12 -9.53
CA LYS B 22 0.66 -8.31 -8.13
C LYS B 22 1.78 -9.01 -7.34
N ASP B 23 1.50 -9.27 -6.08
CA ASP B 23 2.39 -9.89 -5.10
C ASP B 23 2.18 -11.35 -4.88
N THR B 24 0.96 -11.79 -5.11
CA THR B 24 0.50 -13.10 -4.73
C THR B 24 -0.09 -13.76 -5.96
N TYR B 25 0.31 -15.02 -6.16
CA TYR B 25 0.02 -15.79 -7.39
C TYR B 25 -0.28 -17.21 -7.01
N THR B 26 -0.97 -17.94 -7.90
CA THR B 26 -0.89 -19.39 -7.83
C THR B 26 0.38 -19.84 -8.57
N MET B 27 0.81 -21.07 -8.31
CA MET B 27 1.91 -21.67 -9.07
C MET B 27 1.71 -21.57 -10.57
N LYS B 28 0.47 -21.82 -10.97
CA LYS B 28 0.03 -21.79 -12.37
C LYS B 28 0.38 -20.46 -13.04
N GLU B 29 0.05 -19.37 -12.36
CA GLU B 29 0.31 -18.05 -12.85
C GLU B 29 1.79 -17.83 -12.89
N VAL B 30 2.49 -18.28 -11.88
CA VAL B 30 3.96 -18.13 -11.90
C VAL B 30 4.56 -18.81 -13.13
N LEU B 31 4.14 -20.04 -13.35
CA LEU B 31 4.57 -20.78 -14.52
C LEU B 31 4.15 -20.13 -15.86
N PHE B 32 2.95 -19.60 -15.95
CA PHE B 32 2.52 -18.90 -17.15
C PHE B 32 3.46 -17.71 -17.46
N TYR B 33 3.72 -16.87 -16.45
CA TYR B 33 4.52 -15.72 -16.70
C TYR B 33 5.99 -16.02 -16.97
N LEU B 34 6.47 -17.10 -16.37
CA LEU B 34 7.84 -17.51 -16.48
C LEU B 34 8.07 -18.04 -17.86
N GLY B 35 7.08 -18.77 -18.38
CA GLY B 35 7.22 -19.27 -19.77
C GLY B 35 7.16 -18.09 -20.72
N GLN B 36 6.23 -17.19 -20.46
CA GLN B 36 6.07 -15.97 -21.24
C GLN B 36 7.33 -15.13 -21.26
N TYR B 37 8.03 -15.10 -20.10
CA TYR B 37 9.34 -14.42 -20.02
C TYR B 37 10.39 -15.04 -20.94
N ILE B 38 10.48 -16.36 -20.89
CA ILE B 38 11.44 -17.04 -21.71
C ILE B 38 11.18 -16.84 -23.22
N MET B 39 9.91 -16.93 -23.62
CA MET B 39 9.56 -16.74 -25.02
C MET B 39 9.75 -15.27 -25.47
N THR B 40 9.31 -14.33 -24.65
CA THR B 40 9.43 -12.91 -24.99
C THR B 40 10.90 -12.47 -25.10
N LYS B 41 11.79 -13.01 -24.27
CA LYS B 41 13.21 -12.64 -24.35
C LYS B 41 14.00 -13.60 -25.28
N ARG B 42 13.33 -14.52 -25.93
CA ARG B 42 13.94 -15.43 -26.88
C ARG B 42 15.07 -16.21 -26.34
N LEU B 43 14.88 -16.79 -25.18
CA LEU B 43 15.94 -17.49 -24.51
C LEU B 43 15.95 -18.93 -24.92
N TYR B 44 14.92 -19.40 -25.63
CA TYR B 44 14.86 -20.80 -26.06
C TYR B 44 15.60 -21.00 -27.35
N ASP B 45 16.25 -22.14 -27.52
CA ASP B 45 16.91 -22.48 -28.78
C ASP B 45 15.87 -22.78 -29.87
N GLU B 46 16.14 -22.31 -31.07
CA GLU B 46 15.21 -22.44 -32.15
C GLU B 46 15.10 -23.85 -32.67
N LYS B 47 16.17 -24.63 -32.62
CA LYS B 47 16.17 -25.94 -33.24
C LYS B 47 15.69 -26.96 -32.30
N GLN B 48 16.24 -26.93 -31.08
CA GLN B 48 15.84 -27.85 -30.00
C GLN B 48 15.33 -27.01 -28.83
N GLN B 49 14.02 -26.89 -28.81
CA GLN B 49 13.36 -25.81 -28.12
C GLN B 49 13.20 -26.08 -26.65
N HIS B 50 13.64 -27.24 -26.15
CA HIS B 50 13.76 -27.41 -24.71
C HIS B 50 15.01 -26.78 -24.13
N ILE B 51 15.92 -26.32 -24.96
CA ILE B 51 17.17 -25.78 -24.42
C ILE B 51 16.95 -24.30 -24.11
N VAL B 52 17.23 -23.87 -22.89
CA VAL B 52 17.11 -22.49 -22.52
C VAL B 52 18.50 -21.97 -22.15
N TYR B 53 18.88 -20.83 -22.72
CA TYR B 53 20.11 -20.14 -22.43
C TYR B 53 19.81 -18.87 -21.63
N CYS B 54 20.36 -18.77 -20.41
CA CYS B 54 20.01 -17.70 -19.50
C CYS B 54 21.19 -16.96 -18.86
N SER B 55 22.45 -17.13 -19.30
CA SER B 55 23.50 -16.33 -18.59
C SER B 55 23.42 -14.85 -18.95
N ASN B 56 23.85 -14.05 -18.01
CA ASN B 56 23.77 -12.61 -18.11
C ASN B 56 22.34 -12.13 -18.31
N ASP B 57 21.40 -12.82 -17.65
CA ASP B 57 19.99 -12.49 -17.68
C ASP B 57 19.47 -12.70 -16.24
N LEU B 58 18.46 -11.96 -15.83
CA LEU B 58 17.87 -12.22 -14.54
C LEU B 58 17.61 -13.74 -14.34
N LEU B 59 17.25 -14.44 -15.40
CA LEU B 59 16.81 -15.82 -15.21
C LEU B 59 18.02 -16.70 -14.83
N GLY B 60 19.18 -16.37 -15.37
CA GLY B 60 20.42 -16.99 -14.98
C GLY B 60 20.82 -16.64 -13.56
N ASP B 61 20.48 -15.44 -13.11
CA ASP B 61 20.64 -15.07 -11.71
C ASP B 61 19.74 -15.91 -10.82
N LEU B 62 18.55 -16.27 -11.28
CA LEU B 62 17.67 -17.13 -10.49
C LEU B 62 18.22 -18.50 -10.42
N PHE B 63 18.48 -19.10 -11.57
CA PHE B 63 18.97 -20.47 -11.63
C PHE B 63 20.35 -20.68 -11.11
N GLY B 64 21.20 -19.69 -11.21
CA GLY B 64 22.54 -19.89 -10.80
C GLY B 64 23.33 -20.59 -11.86
N VAL B 65 22.77 -20.83 -13.04
CA VAL B 65 23.53 -21.54 -14.10
C VAL B 65 23.33 -20.83 -15.43
N PRO B 66 24.18 -21.10 -16.41
CA PRO B 66 24.04 -20.41 -17.69
C PRO B 66 23.06 -21.05 -18.66
N SER B 67 22.62 -22.26 -18.44
CA SER B 67 21.60 -22.82 -19.26
C SER B 67 20.91 -23.99 -18.59
N PHE B 68 19.80 -24.43 -19.15
CA PHE B 68 19.16 -25.64 -18.67
C PHE B 68 18.20 -26.17 -19.71
N SER B 69 17.76 -27.40 -19.51
CA SER B 69 16.72 -28.00 -20.37
C SER B 69 15.40 -27.94 -19.65
N VAL B 70 14.34 -27.69 -20.43
CA VAL B 70 13.02 -27.63 -19.89
C VAL B 70 12.68 -29.02 -19.37
N LYS B 71 13.41 -30.04 -19.79
CA LYS B 71 13.17 -31.37 -19.29
C LYS B 71 13.60 -31.56 -17.84
N GLU B 72 14.38 -30.65 -17.28
CA GLU B 72 14.83 -30.81 -15.92
C GLU B 72 13.80 -30.26 -14.96
N HIS B 73 12.70 -30.99 -14.82
CA HIS B 73 11.54 -30.47 -14.07
C HIS B 73 11.90 -30.17 -12.63
N ARG B 74 12.63 -31.08 -11.99
CA ARG B 74 12.95 -30.87 -10.60
C ARG B 74 13.86 -29.65 -10.39
N LYS B 75 14.84 -29.48 -11.27
CA LYS B 75 15.69 -28.30 -11.19
C LYS B 75 14.87 -27.00 -11.31
N ILE B 76 13.94 -26.99 -12.26
CA ILE B 76 13.11 -25.82 -12.44
C ILE B 76 12.26 -25.55 -11.20
N TYR B 77 11.59 -26.56 -10.67
CA TYR B 77 10.78 -26.30 -9.49
C TYR B 77 11.68 -25.88 -8.32
N THR B 78 12.88 -26.44 -8.25
CA THR B 78 13.78 -26.11 -7.17
C THR B 78 14.10 -24.61 -7.24
N MET B 79 14.45 -24.11 -8.40
CA MET B 79 14.72 -22.66 -8.59
CA MET B 79 14.81 -22.71 -8.37
C MET B 79 13.56 -21.82 -8.16
N ILE B 80 12.37 -22.25 -8.59
CA ILE B 80 11.16 -21.47 -8.33
C ILE B 80 10.84 -21.43 -6.84
N TYR B 81 10.79 -22.59 -6.18
CA TYR B 81 10.43 -22.64 -4.74
C TYR B 81 11.47 -21.91 -3.87
N ARG B 82 12.73 -21.97 -4.25
CA ARG B 82 13.68 -21.25 -3.48
C ARG B 82 13.47 -19.75 -3.53
N ASN B 83 12.71 -19.28 -4.50
CA ASN B 83 12.50 -17.87 -4.70
C ASN B 83 11.08 -17.45 -4.50
N LEU B 84 10.35 -18.14 -3.62
CA LEU B 84 9.07 -17.67 -3.20
C LEU B 84 8.74 -18.13 -1.79
N VAL B 85 7.72 -17.52 -1.19
CA VAL B 85 7.25 -18.01 0.06
C VAL B 85 5.89 -18.59 -0.20
N VAL B 86 5.63 -19.77 0.35
CA VAL B 86 4.31 -20.38 0.25
C VAL B 86 3.42 -19.76 1.31
N VAL B 87 2.20 -19.35 0.99
CA VAL B 87 1.42 -18.67 2.03
C VAL B 87 0.54 -19.66 2.79
N ASN B 88 0.48 -19.51 4.12
CA ASN B 88 -0.37 -20.35 4.95
C ASN B 88 -1.14 -19.49 5.93
N GLU C 2 -17.23 -11.18 49.68
CA GLU C 2 -16.96 -12.55 49.15
C GLU C 2 -18.02 -12.91 48.09
N THR C 3 -17.57 -13.47 46.96
CA THR C 3 -18.50 -14.00 45.94
C THR C 3 -17.96 -15.31 45.37
N LEU C 4 -18.78 -16.34 45.24
CA LEU C 4 -18.30 -17.59 44.64
C LEU C 4 -18.72 -17.66 43.19
N VAL C 5 -17.77 -18.00 42.33
CA VAL C 5 -17.85 -17.75 40.91
C VAL C 5 -17.17 -18.84 40.10
N ARG C 6 -17.63 -19.03 38.89
CA ARG C 6 -17.17 -20.14 38.08
C ARG C 6 -16.90 -19.56 36.72
N PRO C 7 -15.64 -19.24 36.46
CA PRO C 7 -15.28 -18.69 35.16
C PRO C 7 -15.76 -19.53 33.99
N LYS C 8 -16.21 -18.84 32.96
CA LYS C 8 -16.53 -19.51 31.72
C LYS C 8 -15.28 -19.91 31.03
N PRO C 9 -15.37 -20.97 30.22
CA PRO C 9 -14.29 -21.62 29.53
C PRO C 9 -13.15 -20.74 29.09
N LEU C 10 -13.42 -19.65 28.40
CA LEU C 10 -12.29 -18.90 27.88
C LEU C 10 -11.50 -18.21 29.03
N LEU C 11 -12.23 -17.61 29.97
CA LEU C 11 -11.59 -17.04 31.11
C LEU C 11 -10.83 -18.14 31.85
N LEU C 12 -11.47 -19.28 32.13
CA LEU C 12 -10.79 -20.41 32.76
C LEU C 12 -9.50 -20.74 32.00
N LYS C 13 -9.53 -20.64 30.67
CA LYS C 13 -8.31 -20.90 29.92
C LYS C 13 -7.18 -19.97 30.28
N LEU C 14 -7.48 -18.67 30.37
CA LEU C 14 -6.46 -17.66 30.63
C LEU C 14 -5.79 -17.98 31.91
N LEU C 15 -6.62 -18.17 32.92
CA LEU C 15 -6.18 -18.30 34.27
C LEU C 15 -5.38 -19.59 34.42
N LYS C 16 -5.89 -20.66 33.82
CA LYS C 16 -5.14 -21.93 33.79
C LYS C 16 -3.83 -21.80 33.01
N SER C 17 -3.73 -20.87 32.06
CA SER C 17 -2.54 -20.76 31.23
C SER C 17 -1.37 -20.24 32.10
N VAL C 18 -1.66 -19.59 33.22
CA VAL C 18 -0.63 -19.25 34.20
C VAL C 18 -0.77 -20.09 35.46
N GLY C 19 -1.32 -21.29 35.35
CA GLY C 19 -1.28 -22.28 36.45
C GLY C 19 -2.45 -22.39 37.42
N ALA C 20 -3.52 -21.65 37.19
CA ALA C 20 -4.73 -21.82 37.99
C ALA C 20 -5.14 -23.26 37.87
N GLN C 21 -5.65 -23.84 38.96
CA GLN C 21 -5.87 -25.31 39.02
C GLN C 21 -7.32 -25.74 39.20
N LYS C 22 -8.22 -24.85 39.57
CA LYS C 22 -9.57 -25.29 39.96
C LYS C 22 -10.65 -24.62 39.13
N ASP C 23 -11.91 -24.91 39.43
CA ASP C 23 -13.05 -24.43 38.63
C ASP C 23 -13.85 -23.31 39.29
N THR C 24 -13.74 -23.20 40.61
CA THR C 24 -14.53 -22.24 41.36
C THR C 24 -13.60 -21.37 42.20
N TYR C 25 -13.81 -20.06 42.08
CA TYR C 25 -12.95 -19.04 42.62
C TYR C 25 -13.74 -17.95 43.31
N THR C 26 -13.16 -17.36 44.35
CA THR C 26 -13.65 -16.06 44.79
C THR C 26 -13.29 -15.07 43.70
N MET C 27 -14.04 -13.97 43.65
CA MET C 27 -13.76 -12.91 42.70
C MET C 27 -12.31 -12.40 42.84
N LYS C 28 -11.86 -12.25 44.07
CA LYS C 28 -10.53 -11.78 44.32
C LYS C 28 -9.50 -12.80 43.85
N GLU C 29 -9.82 -14.10 43.83
CA GLU C 29 -8.90 -15.08 43.22
C GLU C 29 -8.78 -14.87 41.71
N VAL C 30 -9.90 -14.65 41.05
CA VAL C 30 -9.87 -14.25 39.65
C VAL C 30 -9.02 -13.01 39.35
N LEU C 31 -9.21 -11.94 40.10
CA LEU C 31 -8.44 -10.73 39.85
C LEU C 31 -6.92 -10.96 40.05
N PHE C 32 -6.54 -11.66 41.11
CA PHE C 32 -5.18 -12.14 41.29
C PHE C 32 -4.61 -12.88 40.07
N TYR C 33 -5.26 -13.92 39.61
CA TYR C 33 -4.71 -14.64 38.46
C TYR C 33 -4.68 -13.83 37.19
N LEU C 34 -5.61 -12.92 37.04
CA LEU C 34 -5.68 -12.14 35.80
C LEU C 34 -4.61 -11.03 35.73
N GLY C 35 -4.34 -10.42 36.90
CA GLY C 35 -3.20 -9.52 36.99
C GLY C 35 -1.94 -10.30 36.64
N GLN C 36 -1.81 -11.43 37.31
CA GLN C 36 -0.68 -12.28 37.14
C GLN C 36 -0.49 -12.62 35.67
N TYR C 37 -1.59 -12.91 34.98
CA TYR C 37 -1.49 -13.23 33.58
C TYR C 37 -0.99 -12.04 32.75
N ILE C 38 -1.50 -10.85 33.03
CA ILE C 38 -1.05 -9.69 32.30
C ILE C 38 0.45 -9.47 32.51
N MET C 39 0.94 -9.66 33.73
CA MET C 39 2.37 -9.45 33.96
C MET C 39 3.18 -10.59 33.36
N THR C 40 2.72 -11.82 33.52
CA THR C 40 3.46 -12.97 33.00
C THR C 40 3.60 -12.85 31.48
N LYS C 41 2.53 -12.42 30.83
CA LYS C 41 2.54 -12.25 29.39
C LYS C 41 3.17 -10.92 28.95
N ARG C 42 3.60 -10.06 29.85
CA ARG C 42 4.30 -8.83 29.45
C ARG C 42 3.45 -7.88 28.63
N LEU C 43 2.17 -7.78 28.98
CA LEU C 43 1.23 -6.97 28.21
C LEU C 43 1.15 -5.50 28.62
N TYR C 44 1.70 -5.16 29.78
CA TYR C 44 1.66 -3.78 30.24
C TYR C 44 2.74 -2.92 29.58
N ASP C 45 2.47 -1.62 29.48
CA ASP C 45 3.40 -0.62 28.99
C ASP C 45 4.48 -0.36 30.05
N GLU C 46 5.72 -0.15 29.60
CA GLU C 46 6.86 0.01 30.50
C GLU C 46 6.89 1.36 31.15
N LYS C 47 6.45 2.40 30.45
CA LYS C 47 6.51 3.77 30.93
C LYS C 47 5.24 4.22 31.64
N GLN C 48 4.08 3.85 31.11
CA GLN C 48 2.79 4.22 31.72
C GLN C 48 2.07 2.90 31.98
N GLN C 49 2.27 2.36 33.18
CA GLN C 49 2.05 0.92 33.35
C GLN C 49 0.58 0.53 33.52
N HIS C 50 -0.34 1.48 33.42
CA HIS C 50 -1.75 1.17 33.47
C HIS C 50 -2.24 0.77 32.09
N ILE C 51 -1.41 0.99 31.07
CA ILE C 51 -1.78 0.67 29.71
C ILE C 51 -1.51 -0.78 29.41
N VAL C 52 -2.50 -1.46 28.88
CA VAL C 52 -2.37 -2.85 28.55
C VAL C 52 -2.67 -3.10 27.06
N TYR C 53 -1.73 -3.76 26.38
CA TYR C 53 -1.84 -4.05 24.96
C TYR C 53 -2.23 -5.49 24.82
N CYS C 54 -3.44 -5.79 24.35
CA CYS C 54 -3.81 -7.17 24.14
C CYS C 54 -4.20 -7.50 22.70
N SER C 55 -3.71 -6.69 21.74
CA SER C 55 -3.99 -6.85 20.30
C SER C 55 -3.69 -8.27 19.84
N ASN C 56 -2.51 -8.77 20.17
CA ASN C 56 -2.10 -10.09 19.67
C ASN C 56 -2.72 -11.26 20.46
N ASP C 57 -3.31 -10.98 21.62
CA ASP C 57 -3.47 -11.96 22.71
C ASP C 57 -4.93 -12.43 22.97
N LEU C 58 -5.09 -13.64 23.50
CA LEU C 58 -6.33 -14.17 24.10
C LEU C 58 -7.12 -13.23 25.04
N LEU C 59 -6.41 -12.33 25.72
CA LEU C 59 -7.08 -11.33 26.55
C LEU C 59 -7.81 -10.29 25.67
N GLY C 60 -7.30 -10.02 24.47
CA GLY C 60 -7.96 -9.12 23.53
C GLY C 60 -9.33 -9.68 23.13
N ASP C 61 -9.43 -11.00 23.14
CA ASP C 61 -10.66 -11.67 22.78
C ASP C 61 -11.68 -11.61 23.92
N LEU C 62 -11.25 -11.91 25.15
CA LEU C 62 -12.10 -11.63 26.31
C LEU C 62 -12.68 -10.20 26.34
N PHE C 63 -11.84 -9.21 26.11
CA PHE C 63 -12.25 -7.82 26.27
C PHE C 63 -12.85 -7.29 24.99
N GLY C 64 -12.47 -7.91 23.86
CA GLY C 64 -12.92 -7.48 22.57
C GLY C 64 -12.37 -6.11 22.22
N VAL C 65 -11.15 -5.80 22.68
CA VAL C 65 -10.53 -4.50 22.38
C VAL C 65 -9.03 -4.77 22.27
N PRO C 66 -8.29 -3.97 21.49
CA PRO C 66 -6.86 -4.28 21.40
C PRO C 66 -5.97 -3.60 22.43
N SER C 67 -6.56 -2.78 23.28
CA SER C 67 -5.82 -2.13 24.29
C SER C 67 -6.82 -1.54 25.27
N PHE C 68 -6.34 -1.26 26.47
CA PHE C 68 -7.13 -0.61 27.51
C PHE C 68 -6.24 -0.17 28.64
N SER C 69 -6.82 0.63 29.54
CA SER C 69 -6.17 1.14 30.70
C SER C 69 -6.80 0.52 31.91
N VAL C 70 -5.96 0.24 32.90
CA VAL C 70 -6.41 -0.38 34.14
C VAL C 70 -7.30 0.63 34.86
N LYS C 71 -7.25 1.89 34.45
CA LYS C 71 -8.16 2.87 35.03
C LYS C 71 -9.62 2.72 34.61
N GLU C 72 -9.89 1.88 33.60
CA GLU C 72 -11.22 1.71 33.11
C GLU C 72 -11.86 0.62 33.95
N HIS C 73 -12.21 0.99 35.18
CA HIS C 73 -12.62 0.01 36.15
C HIS C 73 -13.93 -0.68 35.71
N ARG C 74 -14.89 0.11 35.24
CA ARG C 74 -16.18 -0.46 34.85
C ARG C 74 -16.06 -1.44 33.70
N LYS C 75 -15.35 -1.03 32.67
CA LYS C 75 -15.07 -1.93 31.54
C LYS C 75 -14.44 -3.23 32.00
N ILE C 76 -13.51 -3.16 32.96
CA ILE C 76 -12.77 -4.36 33.32
C ILE C 76 -13.68 -5.29 34.09
N TYR C 77 -14.40 -4.74 35.07
CA TYR C 77 -15.33 -5.54 35.83
C TYR C 77 -16.48 -6.14 34.93
N THR C 78 -16.93 -5.35 33.97
CA THR C 78 -17.97 -5.79 33.07
C THR C 78 -17.57 -7.08 32.37
N MET C 79 -16.41 -7.05 31.73
CA MET C 79 -15.95 -8.21 30.98
CA MET C 79 -15.93 -8.20 30.98
C MET C 79 -15.69 -9.42 31.91
N ILE C 80 -15.20 -9.19 33.11
CA ILE C 80 -14.98 -10.31 34.03
C ILE C 80 -16.28 -10.99 34.37
N TYR C 81 -17.27 -10.20 34.77
CA TYR C 81 -18.60 -10.72 35.07
C TYR C 81 -19.25 -11.35 33.86
N ARG C 82 -19.03 -10.83 32.66
CA ARG C 82 -19.64 -11.45 31.51
C ARG C 82 -19.14 -12.87 31.30
N ASN C 83 -17.99 -13.19 31.87
CA ASN C 83 -17.35 -14.43 31.59
C ASN C 83 -17.33 -15.38 32.78
N LEU C 84 -18.43 -15.42 33.54
CA LEU C 84 -18.54 -16.34 34.68
C LEU C 84 -19.97 -16.48 35.22
N VAL C 85 -20.19 -17.39 36.16
CA VAL C 85 -21.48 -17.51 36.87
C VAL C 85 -21.33 -17.41 38.38
N VAL C 86 -22.35 -16.86 39.04
CA VAL C 86 -22.34 -16.84 40.50
C VAL C 86 -22.93 -18.14 41.09
N VAL C 87 -22.52 -18.50 42.31
CA VAL C 87 -23.15 -19.61 43.02
C VAL C 87 -24.13 -19.13 44.09
N GLU D 2 12.79 -4.57 14.61
CA GLU D 2 12.27 -5.97 14.71
C GLU D 2 11.55 -6.49 13.47
N THR D 3 10.99 -5.61 12.59
CA THR D 3 10.34 -6.09 11.34
C THR D 3 11.35 -6.14 10.24
N LEU D 4 11.07 -7.04 9.31
CA LEU D 4 12.03 -7.49 8.41
C LEU D 4 11.74 -6.93 7.05
N VAL D 5 12.82 -6.81 6.26
CA VAL D 5 12.73 -6.35 4.92
C VAL D 5 13.55 -7.25 3.99
N ARG D 6 13.14 -7.38 2.75
CA ARG D 6 13.85 -8.14 1.76
C ARG D 6 14.31 -7.21 0.64
N PRO D 7 15.59 -6.88 0.61
CA PRO D 7 16.10 -6.00 -0.43
C PRO D 7 15.85 -6.59 -1.83
N LYS D 8 15.53 -5.70 -2.74
CA LYS D 8 15.35 -6.06 -4.14
C LYS D 8 16.72 -6.33 -4.74
N PRO D 9 16.75 -6.93 -5.93
CA PRO D 9 18.01 -7.54 -6.42
C PRO D 9 19.20 -6.58 -6.43
N LEU D 10 19.05 -5.34 -6.92
CA LEU D 10 20.23 -4.44 -7.04
C LEU D 10 20.72 -4.04 -5.63
N LEU D 11 19.80 -3.73 -4.74
CA LEU D 11 20.18 -3.41 -3.35
C LEU D 11 20.79 -4.65 -2.68
N LEU D 12 20.23 -5.82 -2.90
CA LEU D 12 20.82 -6.97 -2.21
C LEU D 12 22.27 -7.14 -2.68
N LYS D 13 22.46 -7.06 -3.97
CA LYS D 13 23.78 -7.05 -4.54
C LYS D 13 24.73 -5.99 -3.91
N LEU D 14 24.22 -4.81 -3.69
CA LEU D 14 25.04 -3.79 -3.08
C LEU D 14 25.48 -4.20 -1.68
N LEU D 15 24.53 -4.66 -0.88
CA LEU D 15 24.83 -5.02 0.51
C LEU D 15 25.80 -6.19 0.59
N LYS D 16 25.56 -7.20 -0.24
CA LYS D 16 26.48 -8.35 -0.27
C LYS D 16 27.86 -8.00 -0.83
N SER D 17 27.95 -6.94 -1.62
CA SER D 17 29.26 -6.53 -2.13
C SER D 17 30.19 -6.07 -0.99
N VAL D 18 29.63 -5.66 0.15
CA VAL D 18 30.45 -5.33 1.34
C VAL D 18 30.23 -6.31 2.48
N GLY D 19 29.82 -7.54 2.13
CA GLY D 19 29.89 -8.69 3.01
C GLY D 19 28.62 -9.12 3.70
N ALA D 20 27.49 -8.54 3.38
CA ALA D 20 26.25 -9.02 3.97
C ALA D 20 25.98 -10.45 3.48
N GLN D 21 25.39 -11.26 4.35
CA GLN D 21 25.32 -12.69 4.13
C GLN D 21 23.92 -13.17 3.85
N LYS D 22 22.88 -12.41 4.16
CA LYS D 22 21.55 -12.97 4.07
C LYS D 22 20.68 -12.26 3.07
N ASP D 23 19.46 -12.73 2.99
CA ASP D 23 18.40 -12.24 2.08
C ASP D 23 17.42 -11.29 2.80
N THR D 24 17.30 -11.46 4.11
CA THR D 24 16.34 -10.73 4.95
C THR D 24 17.01 -9.99 6.12
N TYR D 25 16.59 -8.75 6.36
CA TYR D 25 17.25 -7.87 7.28
C TYR D 25 16.28 -7.05 8.11
N THR D 26 16.77 -6.45 9.17
CA THR D 26 16.04 -5.35 9.83
C THR D 26 16.46 -4.10 9.09
N MET D 27 15.66 -3.05 9.27
CA MET D 27 15.93 -1.67 8.81
CA MET D 27 15.99 -1.76 8.67
C MET D 27 17.32 -1.22 9.23
N LYS D 28 17.61 -1.46 10.48
CA LYS D 28 18.81 -0.99 11.11
C LYS D 28 20.01 -1.62 10.36
N GLU D 29 19.91 -2.92 10.09
CA GLU D 29 20.94 -3.62 9.38
C GLU D 29 21.14 -3.13 7.97
N VAL D 30 20.06 -2.85 7.25
CA VAL D 30 20.18 -2.27 5.90
C VAL D 30 20.92 -0.93 5.95
N LEU D 31 20.61 -0.12 6.93
CA LEU D 31 21.22 1.17 7.09
C LEU D 31 22.72 1.03 7.44
N PHE D 32 23.04 0.12 8.35
CA PHE D 32 24.44 -0.07 8.70
C PHE D 32 25.23 -0.44 7.44
N TYR D 33 24.79 -1.49 6.76
CA TYR D 33 25.50 -1.94 5.54
C TYR D 33 25.55 -0.93 4.37
N LEU D 34 24.49 -0.16 4.17
CA LEU D 34 24.39 0.80 3.06
C LEU D 34 25.35 1.93 3.36
N GLY D 35 25.33 2.39 4.59
CA GLY D 35 26.32 3.45 4.99
C GLY D 35 27.73 2.91 4.74
N GLN D 36 27.94 1.65 5.12
CA GLN D 36 29.20 0.98 4.98
C GLN D 36 29.63 0.94 3.51
N TYR D 37 28.70 0.61 2.63
CA TYR D 37 28.96 0.53 1.20
C TYR D 37 29.40 1.87 0.70
N ILE D 38 28.69 2.92 1.10
CA ILE D 38 28.99 4.24 0.64
C ILE D 38 30.43 4.61 1.05
N MET D 39 30.81 4.29 2.30
CA MET D 39 32.18 4.57 2.74
C MET D 39 33.22 3.66 2.07
N THR D 40 32.96 2.37 2.00
CA THR D 40 33.92 1.43 1.42
C THR D 40 34.17 1.81 -0.02
N LYS D 41 33.11 2.24 -0.68
CA LYS D 41 33.22 2.61 -2.09
C LYS D 41 33.67 4.08 -2.28
N ARG D 42 33.87 4.82 -1.21
CA ARG D 42 34.35 6.21 -1.33
C ARG D 42 33.43 7.09 -2.22
N LEU D 43 32.14 6.98 -2.01
CA LEU D 43 31.17 7.76 -2.76
C LEU D 43 30.83 9.11 -2.11
N TYR D 44 31.19 9.31 -0.85
CA TYR D 44 30.85 10.57 -0.18
C TYR D 44 31.77 11.68 -0.62
N ASP D 45 31.31 12.91 -0.61
CA ASP D 45 32.17 14.06 -0.88
C ASP D 45 33.12 14.31 0.32
N GLU D 46 34.38 14.54 0.04
CA GLU D 46 35.37 14.79 1.07
C GLU D 46 35.17 16.10 1.88
N LYS D 47 34.64 17.14 1.25
CA LYS D 47 34.45 18.44 1.88
C LYS D 47 33.10 18.72 2.50
N GLN D 48 32.02 18.28 1.87
CA GLN D 48 30.67 18.43 2.43
C GLN D 48 30.14 17.00 2.47
N GLN D 49 30.36 16.32 3.59
CA GLN D 49 30.30 14.88 3.58
C GLN D 49 28.90 14.32 3.58
N HIS D 50 27.88 15.18 3.66
CA HIS D 50 26.53 14.74 3.42
C HIS D 50 26.20 14.53 1.95
N ILE D 51 27.07 14.99 1.04
CA ILE D 51 26.79 14.71 -0.38
C ILE D 51 27.36 13.38 -0.81
N VAL D 52 26.56 12.59 -1.54
CA VAL D 52 26.97 11.31 -2.06
C VAL D 52 26.80 11.26 -3.58
N TYR D 53 27.89 10.96 -4.29
CA TYR D 53 27.91 10.82 -5.74
C TYR D 53 27.59 9.39 -6.16
N CYS D 54 26.56 9.20 -6.95
CA CYS D 54 26.30 7.87 -7.44
C CYS D 54 26.12 7.68 -8.94
N SER D 55 26.45 8.68 -9.77
CA SER D 55 26.59 8.50 -11.20
C SER D 55 27.45 7.27 -11.52
N ASN D 56 27.05 6.48 -12.49
CA ASN D 56 27.82 5.27 -12.79
C ASN D 56 28.27 4.41 -11.55
N ASP D 57 27.47 4.35 -10.50
CA ASP D 57 27.62 3.36 -9.49
C ASP D 57 26.30 2.61 -9.39
N LEU D 58 26.39 1.35 -9.03
CA LEU D 58 25.20 0.56 -8.68
C LEU D 58 24.18 1.34 -7.79
N LEU D 59 24.66 2.12 -6.84
CA LEU D 59 23.73 2.88 -5.98
C LEU D 59 22.90 3.87 -6.79
N GLY D 60 23.53 4.54 -7.76
CA GLY D 60 22.84 5.41 -8.70
C GLY D 60 21.78 4.68 -9.53
N ASP D 61 22.09 3.48 -9.99
CA ASP D 61 21.12 2.71 -10.73
C ASP D 61 19.89 2.39 -9.88
N LEU D 62 20.07 2.02 -8.63
CA LEU D 62 18.90 1.57 -7.89
C LEU D 62 18.16 2.71 -7.24
N PHE D 63 18.86 3.76 -6.82
CA PHE D 63 18.13 4.99 -6.32
C PHE D 63 17.54 5.82 -7.45
N GLY D 64 18.09 5.71 -8.66
CA GLY D 64 17.62 6.52 -9.81
C GLY D 64 18.03 7.98 -9.79
N VAL D 65 19.06 8.33 -9.05
CA VAL D 65 19.55 9.71 -9.06
C VAL D 65 21.06 9.69 -9.20
N PRO D 66 21.64 10.77 -9.73
CA PRO D 66 23.11 10.85 -9.82
C PRO D 66 23.75 11.28 -8.50
N SER D 67 22.94 11.82 -7.61
CA SER D 67 23.50 12.32 -6.37
C SER D 67 22.39 12.61 -5.39
N PHE D 68 22.76 12.74 -4.12
CA PHE D 68 21.80 13.08 -3.06
C PHE D 68 22.55 13.57 -1.82
N SER D 69 21.80 14.20 -0.90
CA SER D 69 22.33 14.69 0.34
C SER D 69 21.75 13.90 1.44
N VAL D 70 22.62 13.50 2.37
CA VAL D 70 22.21 12.63 3.45
C VAL D 70 21.21 13.37 4.31
N LYS D 71 21.22 14.71 4.29
CA LYS D 71 20.29 15.47 5.15
C LYS D 71 18.84 15.34 4.76
N GLU D 72 18.55 14.83 3.56
CA GLU D 72 17.17 14.74 3.11
C GLU D 72 16.63 13.41 3.55
N HIS D 73 16.24 13.35 4.82
CA HIS D 73 15.97 12.05 5.42
C HIS D 73 14.81 11.34 4.72
N ARG D 74 13.71 12.07 4.53
CA ARG D 74 12.53 11.46 3.95
C ARG D 74 12.79 10.93 2.55
N LYS D 75 13.53 11.70 1.77
CA LYS D 75 13.85 11.29 0.44
C LYS D 75 14.71 10.01 0.44
N ILE D 76 15.70 9.97 1.36
CA ILE D 76 16.54 8.77 1.47
C ILE D 76 15.71 7.55 1.81
N TYR D 77 14.88 7.68 2.83
CA TYR D 77 14.01 6.58 3.22
C TYR D 77 13.10 6.11 2.08
N THR D 78 12.51 7.06 1.36
CA THR D 78 11.67 6.73 0.24
C THR D 78 12.41 5.89 -0.81
N MET D 79 13.65 6.31 -1.11
CA MET D 79 14.46 5.63 -2.10
C MET D 79 14.82 4.27 -1.58
N ILE D 80 15.08 4.18 -0.26
CA ILE D 80 15.37 2.86 0.33
C ILE D 80 14.16 1.94 0.27
N TYR D 81 12.98 2.39 0.67
CA TYR D 81 11.81 1.49 0.70
C TYR D 81 11.40 0.98 -0.69
N ARG D 82 11.57 1.82 -1.69
CA ARG D 82 11.37 1.49 -3.06
C ARG D 82 12.19 0.28 -3.46
N ASN D 83 13.31 0.06 -2.78
CA ASN D 83 14.23 -1.04 -3.09
C ASN D 83 14.18 -2.16 -2.09
N LEU D 84 13.08 -2.23 -1.35
CA LEU D 84 12.79 -3.26 -0.28
C LEU D 84 11.39 -3.77 -0.47
N VAL D 85 11.17 -5.02 -0.09
CA VAL D 85 9.82 -5.46 0.19
C VAL D 85 9.77 -5.73 1.68
N VAL D 86 8.87 -5.06 2.36
CA VAL D 86 8.81 -5.10 3.81
C VAL D 86 7.96 -6.23 4.28
N VAL D 87 8.50 -7.80 4.82
CA VAL D 87 8.07 -9.15 5.17
C VAL D 87 6.89 -9.14 6.19
N ASN D 88 5.90 -10.00 5.91
CA ASN D 88 4.86 -10.41 6.90
C ASN D 88 5.44 -11.30 8.00
N GLU E 2 -16.66 -5.61 -33.55
CA GLU E 2 -17.86 -5.88 -32.70
C GLU E 2 -17.56 -5.81 -31.20
N THR E 3 -16.31 -6.09 -30.80
CA THR E 3 -15.82 -5.87 -29.43
C THR E 3 -15.82 -4.38 -29.03
N LEU E 4 -16.00 -4.15 -27.73
CA LEU E 4 -16.25 -2.84 -27.20
C LEU E 4 -15.10 -2.24 -26.41
N VAL E 5 -15.00 -0.91 -26.45
CA VAL E 5 -14.04 -0.19 -25.63
C VAL E 5 -14.68 0.95 -24.86
N ARG E 6 -14.11 1.22 -23.69
CA ARG E 6 -14.49 2.34 -22.86
C ARG E 6 -13.31 3.26 -22.77
N PRO E 7 -13.39 4.40 -23.41
CA PRO E 7 -12.24 5.31 -23.35
C PRO E 7 -12.03 5.83 -21.94
N LYS E 8 -10.78 6.03 -21.59
CA LYS E 8 -10.40 6.74 -20.34
C LYS E 8 -10.76 8.22 -20.42
N PRO E 9 -10.76 8.91 -19.27
CA PRO E 9 -11.42 10.23 -19.24
C PRO E 9 -10.91 11.27 -20.25
N LEU E 10 -9.60 11.39 -20.45
CA LEU E 10 -9.10 12.38 -21.41
C LEU E 10 -9.53 12.04 -22.83
N LEU E 11 -9.42 10.78 -23.22
CA LEU E 11 -9.90 10.37 -24.58
C LEU E 11 -11.41 10.57 -24.75
N LEU E 12 -12.18 10.32 -23.71
CA LEU E 12 -13.64 10.42 -23.77
C LEU E 12 -14.04 11.88 -23.93
N LYS E 13 -13.35 12.72 -23.18
CA LYS E 13 -13.52 14.14 -23.28
C LYS E 13 -13.21 14.62 -24.69
N LEU E 14 -12.11 14.18 -25.26
CA LEU E 14 -11.79 14.52 -26.65
C LEU E 14 -12.94 14.10 -27.63
N LEU E 15 -13.36 12.85 -27.53
CA LEU E 15 -14.40 12.36 -28.42
C LEU E 15 -15.69 13.21 -28.26
N LYS E 16 -16.10 13.48 -27.01
CA LYS E 16 -17.33 14.24 -26.81
C LYS E 16 -17.21 15.68 -27.30
N SER E 17 -15.99 16.19 -27.45
CA SER E 17 -15.82 17.59 -27.82
C SER E 17 -16.24 17.78 -29.26
N VAL E 18 -16.24 16.69 -30.04
CA VAL E 18 -16.71 16.76 -31.41
C VAL E 18 -17.95 15.92 -31.64
N GLY E 19 -18.69 15.66 -30.55
CA GLY E 19 -20.12 15.32 -30.59
C GLY E 19 -20.45 13.88 -30.27
N ALA E 20 -19.44 13.07 -29.96
CA ALA E 20 -19.72 11.73 -29.48
C ALA E 20 -20.62 11.83 -28.22
N GLN E 21 -21.54 10.89 -28.03
CA GLN E 21 -22.54 11.07 -26.97
C GLN E 21 -22.51 10.01 -25.87
N LYS E 22 -21.78 8.92 -26.05
CA LYS E 22 -21.88 7.79 -25.14
C LYS E 22 -20.52 7.47 -24.54
N ASP E 23 -20.50 6.43 -23.71
CA ASP E 23 -19.31 6.01 -22.95
C ASP E 23 -18.57 4.78 -23.50
N THR E 24 -19.27 4.01 -24.33
CA THR E 24 -18.77 2.80 -24.86
C THR E 24 -18.86 2.79 -26.35
N TYR E 25 -17.81 2.28 -27.02
CA TYR E 25 -17.69 2.34 -28.47
C TYR E 25 -17.07 1.06 -29.08
N THR E 26 -17.22 0.90 -30.39
CA THR E 26 -16.40 -0.07 -31.11
C THR E 26 -15.13 0.69 -31.44
N MET E 27 -14.06 -0.04 -31.73
CA MET E 27 -12.81 0.59 -32.11
C MET E 27 -13.04 1.44 -33.37
N LYS E 28 -13.88 0.93 -34.26
CA LYS E 28 -14.27 1.64 -35.45
C LYS E 28 -14.78 3.07 -35.12
N GLU E 29 -15.73 3.15 -34.21
CA GLU E 29 -16.27 4.44 -33.87
C GLU E 29 -15.15 5.32 -33.26
N VAL E 30 -14.29 4.75 -32.40
CA VAL E 30 -13.21 5.54 -31.80
C VAL E 30 -12.33 6.19 -32.89
N LEU E 31 -11.93 5.38 -33.86
CA LEU E 31 -11.12 5.87 -34.96
C LEU E 31 -11.88 6.93 -35.81
N PHE E 32 -13.15 6.71 -36.11
CA PHE E 32 -13.93 7.75 -36.79
C PHE E 32 -13.88 9.10 -36.05
N TYR E 33 -14.23 9.08 -34.76
CA TYR E 33 -14.29 10.29 -33.98
C TYR E 33 -12.94 10.93 -33.77
N LEU E 34 -11.91 10.15 -33.60
CA LEU E 34 -10.57 10.70 -33.39
C LEU E 34 -10.00 11.38 -34.64
N GLY E 35 -10.19 10.77 -35.80
CA GLY E 35 -9.77 11.40 -37.03
C GLY E 35 -10.53 12.70 -37.23
N GLN E 36 -11.82 12.66 -36.93
CA GLN E 36 -12.67 13.83 -37.02
C GLN E 36 -12.23 14.95 -36.10
N TYR E 37 -11.85 14.61 -34.87
CA TYR E 37 -11.30 15.59 -33.93
C TYR E 37 -10.08 16.29 -34.56
N ILE E 38 -9.19 15.47 -35.11
CA ILE E 38 -7.96 15.99 -35.72
C ILE E 38 -8.24 16.97 -36.88
N MET E 39 -9.20 16.67 -37.73
CA MET E 39 -9.48 17.57 -38.85
C MET E 39 -10.30 18.78 -38.35
N THR E 40 -11.22 18.55 -37.44
CA THR E 40 -12.08 19.60 -36.98
C THR E 40 -11.25 20.65 -36.20
N LYS E 41 -10.26 20.18 -35.46
CA LYS E 41 -9.38 21.12 -34.79
C LYS E 41 -8.16 21.46 -35.62
N ARG E 42 -8.06 20.99 -36.88
CA ARG E 42 -6.98 21.42 -37.79
C ARG E 42 -5.62 21.18 -37.16
N LEU E 43 -5.37 19.98 -36.69
CA LEU E 43 -4.09 19.69 -36.08
C LEU E 43 -3.12 19.06 -37.12
N TYR E 44 -3.62 18.72 -38.30
CA TYR E 44 -2.77 18.07 -39.31
C TYR E 44 -1.96 19.13 -40.05
N ASP E 45 -0.76 18.77 -40.44
CA ASP E 45 0.07 19.67 -41.22
C ASP E 45 -0.56 19.80 -42.63
N GLU E 46 -0.58 21.03 -43.14
CA GLU E 46 -1.15 21.34 -44.45
C GLU E 46 -0.37 20.68 -45.61
N LYS E 47 0.95 20.58 -45.48
CA LYS E 47 1.85 20.12 -46.53
C LYS E 47 2.15 18.63 -46.41
N GLN E 48 2.43 18.14 -45.20
CA GLN E 48 2.83 16.74 -44.94
C GLN E 48 1.76 16.19 -44.04
N GLN E 49 0.67 15.70 -44.66
CA GLN E 49 -0.59 15.59 -43.93
C GLN E 49 -0.71 14.43 -43.01
N HIS E 50 0.33 13.58 -42.95
CA HIS E 50 0.38 12.53 -41.94
C HIS E 50 0.89 13.06 -40.58
N ILE E 51 1.33 14.33 -40.56
CA ILE E 51 1.86 14.93 -39.33
C ILE E 51 0.78 15.62 -38.53
N VAL E 52 0.65 15.23 -37.27
CA VAL E 52 -0.29 15.85 -36.36
C VAL E 52 0.41 16.66 -35.23
N TYR E 53 0.03 17.91 -35.07
CA TYR E 53 0.57 18.76 -34.00
C TYR E 53 -0.26 18.63 -32.75
N CYS E 54 0.39 18.29 -31.64
CA CYS E 54 -0.28 18.05 -30.41
C CYS E 54 0.04 19.06 -29.33
N SER E 55 0.97 19.98 -29.58
CA SER E 55 1.40 20.92 -28.53
C SER E 55 0.17 21.60 -27.95
N ASN E 56 0.11 21.68 -26.63
CA ASN E 56 -0.92 22.50 -25.99
C ASN E 56 -2.32 22.19 -26.57
N ASP E 57 -2.59 20.90 -26.74
CA ASP E 57 -3.90 20.40 -27.06
C ASP E 57 -4.13 19.20 -26.17
N LEU E 58 -5.40 18.93 -25.89
CA LEU E 58 -5.76 17.77 -25.14
C LEU E 58 -5.16 16.49 -25.73
N LEU E 59 -4.98 16.46 -27.03
CA LEU E 59 -4.50 15.23 -27.67
C LEU E 59 -3.04 14.97 -27.30
N GLY E 60 -2.26 16.03 -27.11
CA GLY E 60 -0.91 15.91 -26.64
C GLY E 60 -0.82 15.38 -25.22
N ASP E 61 -1.68 15.86 -24.33
CA ASP E 61 -1.73 15.24 -23.03
C ASP E 61 -1.96 13.73 -23.16
N LEU E 62 -2.95 13.28 -23.90
CA LEU E 62 -3.30 11.87 -23.76
C LEU E 62 -2.37 10.92 -24.50
N PHE E 63 -1.77 11.38 -25.58
CA PHE E 63 -0.78 10.58 -26.26
C PHE E 63 0.61 10.77 -25.63
N GLY E 64 0.85 11.90 -24.97
CA GLY E 64 2.14 12.15 -24.33
C GLY E 64 3.24 12.58 -25.27
N VAL E 65 2.92 13.09 -26.46
CA VAL E 65 3.95 13.54 -27.43
C VAL E 65 3.61 14.94 -27.99
N PRO E 66 4.60 15.74 -28.41
CA PRO E 66 4.19 17.00 -29.03
C PRO E 66 3.76 16.85 -30.52
N SER E 67 4.14 15.74 -31.15
CA SER E 67 3.66 15.41 -32.48
C SER E 67 3.80 13.92 -32.78
N PHE E 68 3.26 13.49 -33.94
CA PHE E 68 3.33 12.12 -34.44
C PHE E 68 2.96 12.00 -35.94
N SER E 69 3.27 10.85 -36.50
CA SER E 69 2.93 10.59 -37.85
C SER E 69 1.87 9.56 -37.86
N VAL E 70 0.82 9.77 -38.64
CA VAL E 70 -0.24 8.80 -38.84
C VAL E 70 0.31 7.52 -39.49
N LYS E 71 1.51 7.55 -40.01
CA LYS E 71 1.99 6.36 -40.72
C LYS E 71 2.41 5.21 -39.80
N GLU E 72 2.65 5.56 -38.54
CA GLU E 72 3.21 4.65 -37.56
C GLU E 72 2.03 3.88 -36.90
N HIS E 73 1.49 2.90 -37.63
CA HIS E 73 0.25 2.25 -37.21
C HIS E 73 0.25 1.61 -35.79
N ARG E 74 1.21 0.73 -35.54
CA ARG E 74 1.44 0.13 -34.24
C ARG E 74 1.55 1.22 -33.14
N LYS E 75 2.39 2.23 -33.36
CA LYS E 75 2.54 3.24 -32.32
C LYS E 75 1.20 3.95 -31.98
N ILE E 76 0.41 4.24 -33.01
CA ILE E 76 -0.90 4.91 -32.83
C ILE E 76 -1.84 4.04 -31.99
N TYR E 77 -1.95 2.77 -32.34
CA TYR E 77 -2.87 1.86 -31.65
C TYR E 77 -2.40 1.68 -30.20
N THR E 78 -1.09 1.69 -30.01
CA THR E 78 -0.55 1.56 -28.69
C THR E 78 -0.97 2.75 -27.85
N MET E 79 -0.88 3.96 -28.41
CA MET E 79 -1.31 5.11 -27.65
C MET E 79 -2.83 5.08 -27.48
N ILE E 80 -3.55 4.55 -28.46
CA ILE E 80 -5.01 4.49 -28.33
C ILE E 80 -5.42 3.52 -27.27
N TYR E 81 -4.86 2.31 -27.29
CA TYR E 81 -5.18 1.28 -26.29
C TYR E 81 -4.76 1.61 -24.86
N ARG E 82 -3.69 2.39 -24.72
CA ARG E 82 -3.32 2.94 -23.41
C ARG E 82 -4.43 3.85 -22.87
N ASN E 83 -5.28 4.36 -23.74
CA ASN E 83 -6.36 5.28 -23.35
C ASN E 83 -7.78 4.68 -23.38
N LEU E 84 -7.86 3.35 -23.34
CA LEU E 84 -9.10 2.61 -23.46
C LEU E 84 -9.05 1.43 -22.52
N VAL E 85 -10.20 0.98 -22.06
CA VAL E 85 -10.31 -0.29 -21.44
C VAL E 85 -11.19 -1.13 -22.31
N VAL E 86 -10.65 -2.28 -22.67
CA VAL E 86 -11.36 -3.25 -23.49
C VAL E 86 -11.65 -4.41 -22.58
N VAL E 87 -14.11 -3.96 -23.12
CA VAL E 87 -15.01 -4.52 -22.09
C VAL E 87 -15.18 -6.02 -22.27
N ASN E 88 -15.40 -6.69 -21.13
CA ASN E 88 -15.50 -8.17 -20.92
C ASN E 88 -14.17 -8.77 -20.58
N GLU F 2 -19.33 -11.29 -0.45
CA GLU F 2 -18.62 -10.04 -0.85
C GLU F 2 -18.37 -10.01 -2.37
N THR F 3 -19.11 -9.13 -3.03
CA THR F 3 -19.10 -9.05 -4.49
C THR F 3 -17.85 -8.29 -4.97
N LEU F 4 -17.22 -8.84 -6.01
CA LEU F 4 -16.16 -8.17 -6.70
C LEU F 4 -16.73 -7.23 -7.75
N VAL F 5 -16.04 -6.10 -7.96
CA VAL F 5 -16.39 -5.08 -8.96
C VAL F 5 -15.18 -4.55 -9.71
N ARG F 6 -15.46 -3.99 -10.89
CA ARG F 6 -14.46 -3.41 -11.76
C ARG F 6 -14.78 -1.95 -12.03
N PRO F 7 -14.02 -1.02 -11.43
CA PRO F 7 -14.35 0.34 -11.71
C PRO F 7 -14.18 0.64 -13.16
N LYS F 8 -15.05 1.49 -13.66
CA LYS F 8 -14.92 2.04 -14.98
C LYS F 8 -13.81 3.10 -14.94
N PRO F 9 -13.41 3.60 -16.12
CA PRO F 9 -12.17 4.35 -16.19
C PRO F 9 -12.08 5.59 -15.33
N LEU F 10 -13.15 6.33 -15.18
CA LEU F 10 -13.07 7.59 -14.44
C LEU F 10 -12.83 7.28 -12.99
N LEU F 11 -13.69 6.47 -12.43
CA LEU F 11 -13.46 5.96 -11.11
C LEU F 11 -12.09 5.33 -10.92
N LEU F 12 -11.66 4.46 -11.83
CA LEU F 12 -10.38 3.82 -11.68
C LEU F 12 -9.27 4.85 -11.66
N LYS F 13 -9.38 5.91 -12.47
CA LYS F 13 -8.29 6.89 -12.52
C LYS F 13 -8.17 7.58 -11.17
N LEU F 14 -9.31 7.78 -10.56
CA LEU F 14 -9.31 8.42 -9.26
C LEU F 14 -8.65 7.50 -8.17
N LEU F 15 -9.04 6.23 -8.16
CA LEU F 15 -8.45 5.29 -7.24
C LEU F 15 -6.92 5.20 -7.51
N LYS F 16 -6.51 5.06 -8.77
CA LYS F 16 -5.10 4.94 -9.08
C LYS F 16 -4.31 6.20 -8.72
N SER F 17 -4.93 7.36 -8.65
CA SER F 17 -4.17 8.58 -8.38
C SER F 17 -3.64 8.58 -6.94
N VAL F 18 -4.25 7.83 -6.02
CA VAL F 18 -3.70 7.65 -4.66
C VAL F 18 -3.15 6.23 -4.40
N GLY F 19 -2.75 5.54 -5.46
CA GLY F 19 -1.90 4.35 -5.38
C GLY F 19 -2.58 3.01 -5.58
N ALA F 20 -3.90 2.94 -5.75
CA ALA F 20 -4.52 1.66 -6.12
C ALA F 20 -3.88 1.05 -7.37
N GLN F 21 -3.71 -0.28 -7.37
CA GLN F 21 -2.92 -0.94 -8.41
C GLN F 21 -3.63 -1.95 -9.28
N LYS F 22 -4.88 -2.27 -9.01
CA LYS F 22 -5.55 -3.33 -9.75
C LYS F 22 -6.83 -2.89 -10.48
N ASP F 23 -7.47 -3.84 -11.14
CA ASP F 23 -8.71 -3.61 -11.86
C ASP F 23 -9.93 -4.06 -11.13
N THR F 24 -9.75 -4.95 -10.17
CA THR F 24 -10.84 -5.70 -9.57
C THR F 24 -10.81 -5.52 -8.08
N TYR F 25 -11.92 -5.09 -7.50
CA TYR F 25 -11.96 -4.73 -6.08
C TYR F 25 -13.18 -5.29 -5.38
N THR F 26 -13.14 -5.42 -4.07
CA THR F 26 -14.39 -5.49 -3.35
C THR F 26 -14.93 -4.07 -3.16
N MET F 27 -16.21 -3.98 -2.84
CA MET F 27 -16.83 -2.70 -2.60
C MET F 27 -16.13 -1.98 -1.46
N LYS F 28 -15.71 -2.78 -0.47
CA LYS F 28 -15.03 -2.26 0.69
C LYS F 28 -13.73 -1.56 0.24
N GLU F 29 -12.98 -2.19 -0.66
CA GLU F 29 -11.72 -1.63 -1.06
C GLU F 29 -11.93 -0.35 -1.84
N VAL F 30 -13.01 -0.27 -2.61
CA VAL F 30 -13.35 0.94 -3.36
C VAL F 30 -13.58 2.09 -2.39
N LEU F 31 -14.28 1.79 -1.32
CA LEU F 31 -14.63 2.85 -0.35
C LEU F 31 -13.39 3.32 0.38
N PHE F 32 -12.53 2.38 0.78
CA PHE F 32 -11.30 2.76 1.45
C PHE F 32 -10.49 3.73 0.54
N TYR F 33 -10.30 3.35 -0.71
CA TYR F 33 -9.50 4.22 -1.61
C TYR F 33 -10.15 5.54 -1.94
N LEU F 34 -11.46 5.57 -2.04
CA LEU F 34 -12.15 6.79 -2.42
C LEU F 34 -12.13 7.75 -1.27
N GLY F 35 -12.26 7.22 -0.06
CA GLY F 35 -12.13 8.04 1.17
C GLY F 35 -10.67 8.54 1.35
N GLN F 36 -9.72 7.68 1.00
CA GLN F 36 -8.33 8.06 0.97
C GLN F 36 -8.08 9.16 -0.06
N TYR F 37 -8.65 9.02 -1.26
CA TYR F 37 -8.57 10.11 -2.28
C TYR F 37 -9.03 11.43 -1.69
N ILE F 38 -10.22 11.39 -1.09
CA ILE F 38 -10.79 12.61 -0.54
C ILE F 38 -9.86 13.29 0.49
N MET F 39 -9.36 12.50 1.42
CA MET F 39 -8.50 13.03 2.49
C MET F 39 -7.10 13.46 1.97
N THR F 40 -6.54 12.67 1.06
CA THR F 40 -5.21 12.94 0.56
C THR F 40 -5.21 14.25 -0.24
N LYS F 41 -6.28 14.45 -1.00
CA LYS F 41 -6.41 15.69 -1.68
C LYS F 41 -7.00 16.80 -0.85
N ARG F 42 -7.39 16.56 0.40
CA ARG F 42 -7.95 17.59 1.25
C ARG F 42 -9.16 18.29 0.66
N LEU F 43 -10.10 17.50 0.19
CA LEU F 43 -11.33 17.97 -0.40
C LEU F 43 -12.43 18.18 0.62
N TYR F 44 -12.20 17.77 1.85
CA TYR F 44 -13.21 17.91 2.88
C TYR F 44 -13.10 19.28 3.57
N ASP F 45 -14.20 19.74 4.14
CA ASP F 45 -14.20 21.03 4.82
C ASP F 45 -13.61 20.88 6.21
N GLU F 46 -12.73 21.82 6.59
CA GLU F 46 -12.05 21.79 7.88
C GLU F 46 -13.05 21.77 8.99
N LYS F 47 -14.05 22.63 8.87
CA LYS F 47 -15.01 22.88 9.92
C LYS F 47 -16.24 21.97 9.94
N GLN F 48 -16.72 21.52 8.78
CA GLN F 48 -17.91 20.65 8.74
C GLN F 48 -17.53 19.46 7.87
N GLN F 49 -16.88 18.51 8.49
CA GLN F 49 -16.03 17.60 7.75
C GLN F 49 -16.80 16.64 6.84
N HIS F 50 -18.12 16.61 6.95
CA HIS F 50 -18.93 15.79 6.04
C HIS F 50 -19.19 16.42 4.66
N ILE F 51 -18.75 17.65 4.45
CA ILE F 51 -18.90 18.32 3.18
C ILE F 51 -17.68 18.17 2.34
N VAL F 52 -17.89 17.76 1.08
CA VAL F 52 -16.77 17.52 0.24
C VAL F 52 -16.87 18.46 -0.92
N TYR F 53 -15.80 19.19 -1.21
CA TYR F 53 -15.77 20.09 -2.38
C TYR F 53 -15.20 19.39 -3.57
N CYS F 54 -15.83 19.47 -4.74
CA CYS F 54 -15.23 18.86 -5.93
C CYS F 54 -15.24 19.63 -7.25
N SER F 55 -15.48 20.95 -7.18
CA SER F 55 -15.30 21.73 -8.40
C SER F 55 -13.82 21.62 -8.80
N ASN F 56 -13.58 21.55 -10.10
CA ASN F 56 -12.23 21.40 -10.61
C ASN F 56 -11.49 20.19 -10.08
N ASP F 57 -12.18 19.07 -10.00
CA ASP F 57 -11.55 17.89 -9.59
C ASP F 57 -12.24 16.76 -10.27
N LEU F 58 -11.46 15.76 -10.60
CA LEU F 58 -11.98 14.51 -11.10
C LEU F 58 -13.24 14.05 -10.36
N LEU F 59 -13.27 14.30 -9.06
CA LEU F 59 -14.39 13.85 -8.24
C LEU F 59 -15.67 14.56 -8.65
N GLY F 60 -15.54 15.80 -9.04
CA GLY F 60 -16.64 16.51 -9.62
C GLY F 60 -17.15 15.90 -10.91
N ASP F 61 -16.24 15.38 -11.74
CA ASP F 61 -16.67 14.73 -12.96
C ASP F 61 -17.42 13.47 -12.57
N LEU F 62 -17.14 12.85 -11.43
CA LEU F 62 -17.89 11.68 -11.05
C LEU F 62 -19.27 12.03 -10.51
N PHE F 63 -19.37 12.95 -9.56
CA PHE F 63 -20.67 13.28 -8.99
C PHE F 63 -21.48 14.27 -9.83
N GLY F 64 -20.83 14.95 -10.78
CA GLY F 64 -21.52 16.00 -11.54
C GLY F 64 -22.00 17.17 -10.70
N VAL F 65 -21.44 17.36 -9.52
CA VAL F 65 -21.85 18.49 -8.69
C VAL F 65 -20.62 19.15 -8.16
N PRO F 66 -20.73 20.42 -7.71
CA PRO F 66 -19.56 21.12 -7.13
C PRO F 66 -19.25 20.70 -5.70
N SER F 67 -20.16 19.98 -5.07
CA SER F 67 -20.04 19.58 -3.68
C SER F 67 -21.07 18.49 -3.32
N PHE F 68 -20.80 17.72 -2.26
CA PHE F 68 -21.75 16.80 -1.67
C PHE F 68 -21.47 16.61 -0.18
N SER F 69 -22.46 16.06 0.52
CA SER F 69 -22.31 15.68 1.89
C SER F 69 -22.11 14.17 1.98
N VAL F 70 -21.21 13.75 2.86
CA VAL F 70 -20.99 12.31 3.10
C VAL F 70 -22.24 11.65 3.68
N LYS F 71 -23.15 12.46 4.22
CA LYS F 71 -24.42 11.95 4.73
C LYS F 71 -25.37 11.42 3.64
N GLU F 72 -25.22 11.92 2.42
CA GLU F 72 -26.05 11.50 1.30
C GLU F 72 -25.59 10.14 0.78
N HIS F 73 -25.85 9.09 1.57
CA HIS F 73 -25.32 7.74 1.27
C HIS F 73 -25.81 7.23 -0.08
N ARG F 74 -27.11 7.41 -0.33
CA ARG F 74 -27.72 6.97 -1.58
C ARG F 74 -27.01 7.57 -2.80
N LYS F 75 -26.85 8.88 -2.83
CA LYS F 75 -26.17 9.50 -3.97
C LYS F 75 -24.78 8.84 -4.20
N ILE F 76 -24.02 8.67 -3.12
CA ILE F 76 -22.61 8.28 -3.20
C ILE F 76 -22.56 6.85 -3.72
N TYR F 77 -23.43 6.01 -3.20
CA TYR F 77 -23.52 4.66 -3.69
C TYR F 77 -23.97 4.68 -5.13
N THR F 78 -24.81 5.64 -5.47
CA THR F 78 -25.36 5.74 -6.81
C THR F 78 -24.23 6.10 -7.77
N MET F 79 -23.44 7.10 -7.46
CA MET F 79 -22.23 7.48 -8.24
CA MET F 79 -22.36 7.43 -8.35
C MET F 79 -21.34 6.27 -8.42
N ILE F 80 -21.03 5.61 -7.30
CA ILE F 80 -20.13 4.46 -7.40
C ILE F 80 -20.66 3.29 -8.30
N TYR F 81 -21.88 2.79 -8.04
CA TYR F 81 -22.40 1.64 -8.86
C TYR F 81 -22.45 1.96 -10.33
N ARG F 82 -22.80 3.20 -10.65
CA ARG F 82 -22.79 3.67 -12.02
C ARG F 82 -21.43 3.57 -12.69
N ASN F 83 -20.36 3.61 -11.89
CA ASN F 83 -19.00 3.72 -12.39
C ASN F 83 -18.27 2.43 -12.15
N LEU F 84 -19.04 1.36 -12.13
CA LEU F 84 -18.61 0.05 -11.74
C LEU F 84 -19.34 -0.96 -12.63
N VAL F 85 -18.71 -2.09 -12.88
CA VAL F 85 -19.36 -3.27 -13.42
C VAL F 85 -19.17 -4.38 -12.36
N VAL F 86 -20.23 -5.08 -12.01
CA VAL F 86 -20.08 -6.17 -11.03
C VAL F 86 -19.48 -7.41 -11.73
N VAL F 87 -18.66 -8.16 -11.01
CA VAL F 87 -18.18 -9.46 -11.49
C VAL F 87 -19.03 -10.55 -10.80
N ASN F 88 -19.29 -11.67 -11.49
CA ASN F 88 -20.07 -12.79 -10.90
C ASN F 88 -19.20 -13.96 -10.43
CA ALA G 1 -2.25 -3.46 -3.18
C ALA G 1 -3.25 -2.77 -2.24
N THR G 2 -3.11 -3.07 -0.95
CA THR G 2 -3.97 -2.62 0.14
C THR G 2 -3.73 -1.15 0.43
N SER G 3 -4.82 -0.40 0.49
CA SER G 3 -4.77 1.05 0.81
C SER G 3 -4.29 1.29 2.21
N PHE G 4 -3.61 2.41 2.43
CA PHE G 4 -3.33 2.85 3.78
C PHE G 4 -4.56 2.96 4.66
N ALA G 5 -5.61 3.55 4.12
CA ALA G 5 -6.90 3.57 4.85
C ALA G 5 -7.28 2.20 5.34
N GLU G 6 -7.20 1.21 4.49
CA GLU G 6 -7.56 -0.13 4.95
C GLU G 6 -6.59 -0.65 6.04
N TYR G 7 -5.27 -0.44 5.88
CA TYR G 7 -4.32 -0.80 6.95
C TYR G 7 -4.66 -0.11 8.28
N TRP G 8 -4.98 1.18 8.16
CA TRP G 8 -5.20 1.97 9.36
C TRP G 8 -6.49 1.48 10.07
N ALA G 9 -7.51 1.11 9.29
CA ALA G 9 -8.78 0.64 9.87
C ALA G 9 -8.56 -0.62 10.66
N LEU G 10 -7.57 -1.43 10.30
CA LEU G 10 -7.36 -2.67 11.04
C LEU G 10 -6.76 -2.46 12.46
N LEU G 11 -6.21 -1.28 12.72
CA LEU G 11 -5.60 -0.97 14.01
C LEU G 11 -6.56 -1.29 15.17
N PRO G 13 -11.59 1.12 14.76
CA PRO G 13 -11.85 2.36 14.05
C PRO G 13 -11.49 3.52 14.97
N ALA G 14 -11.07 4.65 14.40
CA ALA H 1 9.79 -30.67 -33.64
C ALA H 1 8.78 -30.00 -32.68
N THR H 2 8.99 -30.31 -31.40
CA THR H 2 8.17 -29.84 -30.34
C THR H 2 8.53 -28.41 -29.98
N SER H 3 7.49 -27.59 -29.81
CA SER H 3 7.68 -26.20 -29.45
C SER H 3 8.12 -26.04 -27.99
N PHE H 4 8.85 -24.96 -27.71
CA PHE H 4 9.15 -24.59 -26.33
C PHE H 4 7.85 -24.49 -25.54
N ALA H 5 6.81 -23.92 -26.14
CA ALA H 5 5.55 -23.75 -25.46
C ALA H 5 5.03 -25.13 -24.96
N GLU H 6 5.19 -26.17 -25.74
CA GLU H 6 4.69 -27.46 -25.38
C GLU H 6 5.56 -28.06 -24.34
N TYR H 7 6.88 -27.94 -24.48
CA TYR H 7 7.73 -28.47 -23.46
C TYR H 7 7.41 -27.85 -22.09
N TRP H 8 7.12 -26.56 -22.11
CA TRP H 8 6.93 -25.78 -20.92
C TRP H 8 5.60 -26.12 -20.29
N ALA H 9 4.59 -26.40 -21.10
CA ALA H 9 3.31 -26.83 -20.56
C ALA H 9 3.41 -28.16 -19.80
N LEU H 10 4.42 -28.98 -20.08
CA LEU H 10 4.54 -30.24 -19.41
C LEU H 10 5.00 -30.10 -17.96
N LEU H 11 5.39 -28.90 -17.48
CA LEU H 11 5.94 -28.76 -16.13
C LEU H 11 5.00 -29.16 -14.99
N PRO H 13 0.17 -26.46 -15.95
CA PRO H 13 0.07 -25.12 -16.59
C PRO H 13 0.62 -24.03 -15.68
N ALA H 14 0.83 -22.80 -16.15
CA ALA I 1 6.25 5.71 37.85
C ALA I 1 5.62 4.60 38.72
N THR I 2 4.29 4.58 38.72
CA THR I 2 3.49 3.61 39.45
C THR I 2 3.52 2.32 38.66
N SER I 3 3.69 1.21 39.37
CA SER I 3 3.82 -0.10 38.73
C SER I 3 2.43 -0.57 38.22
N PHE I 4 2.45 -1.40 37.16
CA PHE I 4 1.23 -2.13 36.76
C PHE I 4 0.63 -2.84 37.98
N ALA I 5 1.47 -3.47 38.82
CA ALA I 5 0.94 -4.24 39.98
C ALA I 5 0.12 -3.31 40.90
N GLU I 6 0.62 -2.09 41.11
CA GLU I 6 -0.10 -1.23 41.98
C GLU I 6 -1.42 -0.81 41.36
N TYR I 7 -1.42 -0.44 40.06
CA TYR I 7 -2.63 -0.08 39.41
C TYR I 7 -3.70 -1.17 39.48
N TRP I 8 -3.26 -2.40 39.20
CA TRP I 8 -4.12 -3.56 39.24
C TRP I 8 -4.70 -3.81 40.63
N ALA I 9 -3.88 -3.68 41.68
CA ALA I 9 -4.38 -3.88 43.03
C ALA I 9 -5.45 -2.84 43.39
N LEU I 10 -5.44 -1.68 42.75
CA LEU I 10 -6.51 -0.72 43.01
C LEU I 10 -7.89 -1.12 42.44
N LEU I 11 -7.96 -2.10 41.55
CA LEU I 11 -9.25 -2.52 41.00
C LEU I 11 -10.32 -2.82 42.03
N PRO I 13 -8.47 -6.70 45.72
CA PRO I 13 -7.46 -7.72 45.44
C PRO I 13 -8.05 -8.85 44.56
N ALA I 14 -7.20 -9.71 44.01
CA ALA J 1 33.25 19.55 9.57
C ALA J 1 32.74 18.12 9.95
N THR J 2 31.45 17.92 9.79
CA THR J 2 30.77 16.70 10.20
C THR J 2 31.10 15.52 9.24
N SER J 3 31.37 14.34 9.77
CA SER J 3 31.75 13.21 8.95
C SER J 3 30.54 12.62 8.22
N PHE J 4 30.74 12.00 7.08
CA PHE J 4 29.65 11.21 6.48
C PHE J 4 29.08 10.24 7.52
N ALA J 5 29.94 9.50 8.18
CA ALA J 5 29.50 8.55 9.20
C ALA J 5 28.49 9.17 10.15
N GLU J 6 28.79 10.39 10.60
CA GLU J 6 27.92 11.07 11.55
C GLU J 6 26.60 11.48 10.92
N TYR J 7 26.63 12.04 9.70
CA TYR J 7 25.38 12.38 8.97
C TYR J 7 24.49 11.13 8.81
N TRP J 8 25.14 10.05 8.42
CA TRP J 8 24.47 8.78 8.16
C TRP J 8 23.87 8.21 9.44
N ALA J 9 24.62 8.27 10.54
CA ALA J 9 24.11 7.82 11.84
C ALA J 9 22.84 8.59 12.18
N LEU J 10 22.73 9.82 11.71
CA LEU J 10 21.57 10.61 12.08
C LEU J 10 20.26 10.23 11.35
N LEU J 11 20.33 9.40 10.32
CA LEU J 11 19.12 8.94 9.67
C LEU J 11 18.13 8.24 10.56
N PRO J 13 20.32 4.15 13.70
CA PRO J 13 21.43 3.32 13.27
C PRO J 13 20.93 2.28 12.27
N ALA J 14 21.83 1.78 11.41
CA ALA K 1 -0.21 14.84 -51.97
C ALA K 1 -1.39 14.10 -51.36
N THR K 2 -1.10 13.15 -50.47
CA THR K 2 -2.14 12.35 -49.79
C THR K 2 -2.77 13.13 -48.67
N SER K 3 -4.10 13.05 -48.57
CA SER K 3 -4.84 13.75 -47.50
C SER K 3 -4.69 13.06 -46.13
N PHE K 4 -4.79 13.85 -45.08
CA PHE K 4 -4.87 13.32 -43.73
C PHE K 4 -5.99 12.29 -43.61
N ALA K 5 -7.17 12.61 -44.14
CA ALA K 5 -8.30 11.64 -44.12
C ALA K 5 -7.91 10.29 -44.70
N GLU K 6 -7.16 10.28 -45.80
CA GLU K 6 -6.85 9.04 -46.42
C GLU K 6 -5.79 8.29 -45.61
N TYR K 7 -4.78 8.99 -45.10
CA TYR K 7 -3.80 8.37 -44.17
C TYR K 7 -4.51 7.77 -42.92
N TRP K 8 -5.42 8.55 -42.35
CA TRP K 8 -6.12 8.10 -41.18
C TRP K 8 -6.95 6.86 -41.47
N ALA K 9 -7.56 6.82 -42.64
CA ALA K 9 -8.40 5.67 -43.06
C ALA K 9 -7.59 4.40 -43.14
N LEU K 10 -6.30 4.54 -43.41
CA LEU K 10 -5.46 3.38 -43.54
C LEU K 10 -5.19 2.68 -42.17
N LEU K 11 -5.50 3.32 -41.05
CA LEU K 11 -5.32 2.68 -39.76
C LEU K 11 -6.06 1.35 -39.67
N PRO K 13 -11.39 1.40 -40.62
CA PRO K 13 -12.21 2.61 -40.42
C PRO K 13 -12.66 2.74 -38.95
N ALA K 14 -13.18 3.91 -38.57
CA ALA L 1 -16.43 17.94 15.75
C ALA L 1 -16.07 16.57 15.12
N THR L 2 -17.06 15.87 14.58
CA THR L 2 -16.86 14.56 13.92
C THR L 2 -15.93 14.67 12.73
N SER L 3 -15.03 13.71 12.55
CA SER L 3 -14.07 13.78 11.47
C SER L 3 -14.69 13.27 10.19
N PHE L 4 -14.13 13.72 9.09
CA PHE L 4 -14.46 13.18 7.79
C PHE L 4 -14.30 11.66 7.83
N ALA L 5 -13.25 11.20 8.47
CA ALA L 5 -12.93 9.79 8.45
C ALA L 5 -14.04 9.04 9.13
N GLU L 6 -14.55 9.59 10.22
CA GLU L 6 -15.64 8.91 10.91
C GLU L 6 -16.94 8.91 10.08
N TYR L 7 -17.33 10.07 9.52
CA TYR L 7 -18.46 10.15 8.58
C TYR L 7 -18.33 9.13 7.46
N TRP L 8 -17.17 9.10 6.82
CA TRP L 8 -16.95 8.20 5.69
C TRP L 8 -17.07 6.72 6.05
N ALA L 9 -16.59 6.33 7.23
CA ALA L 9 -16.64 4.93 7.67
C ALA L 9 -18.05 4.45 7.88
N LEU L 10 -18.98 5.37 8.08
CA LEU L 10 -20.40 5.02 8.19
C LEU L 10 -21.00 4.50 6.90
N LEU L 11 -20.40 4.81 5.76
CA LEU L 11 -21.04 4.49 4.48
C LEU L 11 -21.51 3.04 4.32
N PRO L 13 -17.28 -0.30 5.64
CA PRO L 13 -15.89 0.04 5.31
C PRO L 13 -15.55 -0.15 3.81
N ALA L 14 -14.51 0.54 3.33
#